data_7H61
#
_entry.id   7H61
#
_cell.length_a   74.740
_cell.length_b   74.740
_cell.length_c   49.350
_cell.angle_alpha   90.00
_cell.angle_beta   90.00
_cell.angle_gamma   90.00
#
_symmetry.space_group_name_H-M   'P 43'
#
loop_
_entity.id
_entity.type
_entity.pdbx_description
1 polymer Chymase
2 non-polymer 'ZINC ION'
3 non-polymer N-(2-{6-ethyl-2-[(R)-[(3R)-2-hydroxy-5-oxo-3-phenylcyclopent-1-en-1-yl](phenyl)methyl]-1H-indol-3-yl}ethyl)acetamide
4 non-polymer 'DIMETHYL SULFOXIDE'
5 water water
#
_entity_poly.entity_id   1
_entity_poly.type   'polypeptide(L)'
_entity_poly.pdbx_seq_one_letter_code
;IIGGTESKPHSRPYMAYLEIVTSNGPSKFCGGFLIRRNFVLTAAHCAGRSITVTLGAHNITEEEDTWQKLEVIKQFRHPK
YNTSTLHHDIMLLKLKEKASLTLAVGTLPFPSQKNFVPPGRMCRVAGWGRTGVLKPGSDTLQEVKLRLMDPQACSHFRDF
DHNLQLCVGNPRKTKSAFKGDSGGPLLCAGVAQGIVSYGRSDAKPPAVFTRISHYRPWINQILQAN
;
_entity_poly.pdbx_strand_id   A
#
# COMPACT_ATOMS: atom_id res chain seq x y z
N ILE A 1 -5.83 9.65 0.54
CA ILE A 1 -4.70 10.62 0.54
C ILE A 1 -5.25 12.00 0.88
N ILE A 2 -4.69 12.61 1.95
CA ILE A 2 -5.09 13.93 2.40
C ILE A 2 -4.01 14.94 2.01
N GLY A 3 -4.43 16.03 1.35
CA GLY A 3 -3.55 17.14 1.04
C GLY A 3 -2.63 16.86 -0.15
N GLY A 4 -3.03 15.92 -1.01
CA GLY A 4 -2.22 15.53 -2.16
C GLY A 4 -2.74 16.14 -3.45
N THR A 5 -2.29 15.57 -4.57
CA THR A 5 -2.67 15.98 -5.91
C THR A 5 -3.21 14.78 -6.68
N GLU A 6 -4.01 15.03 -7.71
CA GLU A 6 -4.45 13.96 -8.61
C GLU A 6 -3.25 13.45 -9.42
N SER A 7 -3.04 12.13 -9.42
CA SER A 7 -1.98 11.52 -10.21
C SER A 7 -2.25 11.77 -11.69
N LYS A 8 -1.18 11.89 -12.49
CA LYS A 8 -1.31 11.81 -13.93
C LYS A 8 -1.89 10.43 -14.26
N PRO A 9 -3.02 10.33 -15.00
CA PRO A 9 -3.64 9.03 -15.25
C PRO A 9 -2.67 7.99 -15.81
N HIS A 10 -2.62 6.83 -15.14
CA HIS A 10 -1.87 5.65 -15.57
C HIS A 10 -0.35 5.84 -15.40
N SER A 11 0.06 6.85 -14.61
CA SER A 11 1.48 7.17 -14.43
C SER A 11 2.14 6.24 -13.41
N ARG A 12 1.34 5.49 -12.65
CA ARG A 12 1.83 4.51 -11.68
C ARG A 12 1.23 3.15 -12.03
N PRO A 13 1.69 2.50 -13.12
CA PRO A 13 1.00 1.33 -13.68
C PRO A 13 0.97 0.05 -12.84
N TYR A 14 1.70 0.06 -11.71
CA TYR A 14 1.74 -1.07 -10.78
C TYR A 14 0.64 -0.97 -9.72
N MET A 15 -0.08 0.15 -9.64
CA MET A 15 -1.04 0.37 -8.55
C MET A 15 -2.22 -0.59 -8.70
N ALA A 16 -2.66 -1.16 -7.56
CA ALA A 16 -3.79 -2.07 -7.51
C ALA A 16 -4.86 -1.52 -6.56
N TYR A 17 -6.12 -1.57 -7.01
CA TYR A 17 -7.28 -1.19 -6.21
C TYR A 17 -7.95 -2.46 -5.69
N LEU A 18 -8.03 -2.59 -4.36
CA LEU A 18 -8.49 -3.82 -3.71
C LEU A 18 -9.87 -3.61 -3.07
N GLU A 19 -10.81 -4.49 -3.42
N GLU A 19 -10.84 -4.45 -3.44
CA GLU A 19 -12.10 -4.58 -2.76
CA GLU A 19 -12.10 -4.54 -2.73
C GLU A 19 -12.10 -5.79 -1.83
C GLU A 19 -12.07 -5.77 -1.82
N ILE A 20 -12.29 -5.56 -0.53
CA ILE A 20 -12.14 -6.57 0.51
C ILE A 20 -13.52 -7.01 0.98
N VAL A 21 -13.81 -8.30 0.80
CA VAL A 21 -15.13 -8.84 1.08
C VAL A 21 -15.09 -9.71 2.34
N THR A 22 -16.09 -9.52 3.21
CA THR A 22 -16.26 -10.31 4.41
C THR A 22 -17.72 -10.75 4.53
N SER A 23 -17.96 -11.71 5.44
CA SER A 23 -19.24 -12.40 5.53
C SER A 23 -20.32 -11.54 6.19
N ASN A 24 -19.90 -10.61 7.06
CA ASN A 24 -20.81 -9.95 8.00
C ASN A 24 -20.74 -8.43 7.88
N GLY A 25 -20.36 -7.92 6.71
CA GLY A 25 -20.35 -6.49 6.49
C GLY A 25 -20.12 -6.15 5.02
N PRO A 26 -20.30 -4.87 4.61
CA PRO A 26 -20.11 -4.46 3.22
C PRO A 26 -18.64 -4.42 2.85
N SER A 27 -18.38 -4.21 1.56
CA SER A 27 -17.03 -4.11 1.03
C SER A 27 -16.23 -3.03 1.76
N LYS A 28 -14.94 -3.32 2.01
CA LYS A 28 -13.98 -2.32 2.46
C LYS A 28 -12.88 -2.23 1.41
N PHE A 29 -11.95 -1.26 1.56
CA PHE A 29 -11.05 -0.93 0.46
C PHE A 29 -9.61 -0.72 0.92
N CYS A 30 -8.68 -1.20 0.09
CA CYS A 30 -7.24 -1.03 0.30
C CYS A 30 -6.55 -0.77 -1.03
N GLY A 31 -5.29 -0.34 -0.95
CA GLY A 31 -4.39 -0.32 -2.10
C GLY A 31 -3.43 -1.52 -2.07
N GLY A 32 -2.61 -1.62 -3.12
CA GLY A 32 -1.60 -2.64 -3.28
C GLY A 32 -0.75 -2.33 -4.50
N PHE A 33 0.27 -3.17 -4.78
CA PHE A 33 1.09 -2.96 -5.97
C PHE A 33 1.56 -4.29 -6.55
N LEU A 34 1.58 -4.35 -7.89
CA LEU A 34 1.94 -5.55 -8.63
C LEU A 34 3.46 -5.69 -8.68
N ILE A 35 4.01 -6.76 -8.09
CA ILE A 35 5.46 -6.96 -8.06
C ILE A 35 5.87 -8.10 -9.00
N ARG A 36 4.92 -8.98 -9.33
CA ARG A 36 5.05 -9.97 -10.41
C ARG A 36 3.73 -10.01 -11.18
N ARG A 37 3.73 -10.58 -12.38
CA ARG A 37 2.52 -10.58 -13.19
C ARG A 37 1.35 -11.25 -12.45
N ASN A 38 1.63 -12.17 -11.52
CA ASN A 38 0.56 -12.80 -10.75
C ASN A 38 0.71 -12.62 -9.24
N PHE A 39 1.37 -11.55 -8.78
CA PHE A 39 1.46 -11.28 -7.34
C PHE A 39 1.31 -9.80 -7.03
N VAL A 40 0.43 -9.50 -6.07
CA VAL A 40 0.22 -8.15 -5.54
C VAL A 40 0.66 -8.12 -4.08
N LEU A 41 1.47 -7.12 -3.71
CA LEU A 41 1.86 -6.88 -2.33
C LEU A 41 0.92 -5.86 -1.70
N THR A 42 0.55 -6.08 -0.43
CA THR A 42 -0.39 -5.23 0.29
C THR A 42 -0.20 -5.43 1.79
N ALA A 43 -1.16 -4.96 2.60
CA ALA A 43 -1.12 -5.08 4.05
C ALA A 43 -1.97 -6.26 4.54
N ALA A 44 -1.48 -6.93 5.58
CA ALA A 44 -2.16 -8.09 6.17
C ALA A 44 -3.53 -7.75 6.74
N HIS A 45 -3.71 -6.52 7.25
CA HIS A 45 -4.99 -6.15 7.84
C HIS A 45 -6.08 -5.98 6.77
N CYS A 46 -5.70 -6.03 5.50
CA CYS A 46 -6.65 -5.99 4.38
C CYS A 46 -7.13 -7.38 3.98
N ALA A 47 -6.81 -8.42 4.78
CA ALA A 47 -7.27 -9.78 4.48
C ALA A 47 -8.79 -9.86 4.58
N GLY A 48 -9.38 -10.75 3.78
CA GLY A 48 -10.82 -10.95 3.81
C GLY A 48 -11.19 -12.38 3.42
N ARG A 49 -12.49 -12.66 3.37
CA ARG A 49 -12.99 -13.93 2.88
C ARG A 49 -12.65 -14.06 1.40
N SER A 50 -12.73 -12.93 0.67
CA SER A 50 -12.32 -12.88 -0.72
C SER A 50 -11.91 -11.45 -1.07
N ILE A 51 -11.09 -11.30 -2.12
CA ILE A 51 -10.57 -10.01 -2.55
C ILE A 51 -10.64 -9.92 -4.08
N THR A 52 -11.02 -8.75 -4.60
N THR A 52 -11.06 -8.76 -4.58
CA THR A 52 -10.95 -8.52 -6.04
CA THR A 52 -10.99 -8.44 -6.00
C THR A 52 -9.96 -7.39 -6.30
C THR A 52 -9.84 -7.45 -6.22
N VAL A 53 -9.14 -7.59 -7.35
CA VAL A 53 -8.07 -6.68 -7.73
C VAL A 53 -8.43 -6.01 -9.05
N THR A 54 -8.35 -4.67 -9.10
CA THR A 54 -8.46 -3.94 -10.36
C THR A 54 -7.13 -3.25 -10.66
N LEU A 55 -6.52 -3.63 -11.79
CA LEU A 55 -5.32 -2.98 -12.31
C LEU A 55 -5.74 -2.03 -13.44
N GLY A 56 -4.88 -1.04 -13.73
CA GLY A 56 -5.04 -0.15 -14.87
C GLY A 56 -6.05 0.97 -14.64
N ALA A 57 -6.39 1.28 -13.38
CA ALA A 57 -7.44 2.23 -13.09
C ALA A 57 -6.88 3.62 -12.83
N HIS A 58 -7.66 4.66 -13.15
CA HIS A 58 -7.45 6.00 -12.63
C HIS A 58 -8.71 6.44 -11.90
N ASN A 59 -9.77 6.77 -12.65
CA ASN A 59 -11.07 7.02 -12.08
C ASN A 59 -11.80 5.69 -11.94
N ILE A 60 -11.97 5.25 -10.69
CA ILE A 60 -12.47 3.91 -10.39
C ILE A 60 -13.99 3.83 -10.58
N THR A 61 -14.65 4.94 -10.93
CA THR A 61 -16.09 4.91 -11.17
C THR A 61 -16.41 4.78 -12.66
N GLU A 62 -15.40 4.83 -13.53
CA GLU A 62 -15.63 4.82 -14.97
C GLU A 62 -14.83 3.70 -15.64
N GLU A 63 -15.53 2.61 -16.01
N GLU A 63 -15.52 2.61 -16.02
CA GLU A 63 -14.94 1.50 -16.73
CA GLU A 63 -14.88 1.48 -16.67
C GLU A 63 -14.23 2.00 -17.99
C GLU A 63 -14.27 1.93 -17.99
N GLU A 64 -13.06 1.44 -18.28
CA GLU A 64 -12.32 1.76 -19.49
C GLU A 64 -11.48 0.55 -19.92
N ASP A 65 -10.95 0.61 -21.14
CA ASP A 65 -10.24 -0.52 -21.74
C ASP A 65 -8.97 -0.88 -20.96
N THR A 66 -8.35 0.07 -20.24
CA THR A 66 -7.15 -0.21 -19.47
C THR A 66 -7.44 -1.12 -18.27
N TRP A 67 -8.70 -1.16 -17.78
CA TRP A 67 -9.03 -1.98 -16.62
C TRP A 67 -8.73 -3.46 -16.86
N GLN A 68 -8.13 -4.09 -15.84
CA GLN A 68 -8.06 -5.54 -15.72
C GLN A 68 -8.58 -5.93 -14.34
N LYS A 69 -9.78 -6.53 -14.31
CA LYS A 69 -10.35 -7.04 -13.08
C LYS A 69 -9.88 -8.49 -12.92
N LEU A 70 -9.10 -8.75 -11.86
CA LEU A 70 -8.42 -10.03 -11.75
C LEU A 70 -8.80 -10.74 -10.44
N GLU A 71 -9.01 -12.06 -10.55
CA GLU A 71 -9.37 -12.90 -9.42
C GLU A 71 -8.14 -13.23 -8.58
N VAL A 72 -8.31 -13.27 -7.25
CA VAL A 72 -7.29 -13.74 -6.33
C VAL A 72 -7.58 -15.20 -5.97
N ILE A 73 -6.58 -16.07 -6.15
N ILE A 73 -6.61 -16.09 -6.16
CA ILE A 73 -6.72 -17.50 -5.87
CA ILE A 73 -6.82 -17.49 -5.79
C ILE A 73 -6.39 -17.80 -4.41
C ILE A 73 -6.49 -17.73 -4.32
N LYS A 74 -5.43 -17.08 -3.82
CA LYS A 74 -4.94 -17.37 -2.47
C LYS A 74 -4.31 -16.13 -1.85
N GLN A 75 -4.53 -15.97 -0.53
CA GLN A 75 -3.94 -14.90 0.26
C GLN A 75 -2.84 -15.48 1.15
N PHE A 76 -1.66 -14.84 1.14
CA PHE A 76 -0.53 -15.22 1.97
C PHE A 76 -0.27 -14.11 3.00
N ARG A 77 -0.95 -14.19 4.14
CA ARG A 77 -0.75 -13.23 5.23
C ARG A 77 0.52 -13.59 5.98
N HIS A 78 1.27 -12.58 6.45
CA HIS A 78 2.47 -12.86 7.23
C HIS A 78 2.07 -13.72 8.44
N PRO A 79 2.78 -14.85 8.70
CA PRO A 79 2.37 -15.75 9.78
C PRO A 79 2.45 -15.17 11.19
N LYS A 80 3.22 -14.09 11.37
CA LYS A 80 3.40 -13.46 12.67
C LYS A 80 2.57 -12.17 12.80
N TYR A 81 1.73 -11.86 11.80
CA TYR A 81 0.87 -10.68 11.88
C TYR A 81 0.07 -10.71 13.17
N ASN A 82 0.06 -9.58 13.89
CA ASN A 82 -0.51 -9.48 15.23
C ASN A 82 -1.54 -8.35 15.25
N THR A 83 -2.80 -8.69 15.58
CA THR A 83 -3.89 -7.73 15.51
C THR A 83 -3.84 -6.74 16.68
N SER A 84 -3.06 -7.04 17.72
CA SER A 84 -2.92 -6.16 18.87
C SER A 84 -1.84 -5.10 18.63
N THR A 85 -0.64 -5.53 18.23
CA THR A 85 0.50 -4.63 18.08
C THR A 85 0.57 -4.08 16.65
N LEU A 86 -0.06 -4.78 15.70
CA LEU A 86 -0.02 -4.48 14.28
C LEU A 86 1.37 -4.70 13.67
N HIS A 87 2.24 -5.44 14.36
CA HIS A 87 3.52 -5.83 13.77
C HIS A 87 3.30 -6.77 12.59
N HIS A 88 4.16 -6.65 11.57
CA HIS A 88 4.22 -7.56 10.43
C HIS A 88 2.96 -7.41 9.57
N ASP A 89 2.56 -6.16 9.30
CA ASP A 89 1.37 -5.87 8.52
C ASP A 89 1.72 -5.96 7.03
N ILE A 90 1.81 -7.20 6.52
CA ILE A 90 2.22 -7.42 5.14
C ILE A 90 1.57 -8.71 4.64
N MET A 91 1.18 -8.72 3.36
CA MET A 91 0.48 -9.84 2.75
C MET A 91 0.74 -9.87 1.24
N LEU A 92 0.87 -11.09 0.69
CA LEU A 92 0.95 -11.29 -0.75
C LEU A 92 -0.34 -11.93 -1.27
N LEU A 93 -0.85 -11.42 -2.41
CA LEU A 93 -2.00 -11.99 -3.08
C LEU A 93 -1.56 -12.66 -4.38
N LYS A 94 -1.88 -13.94 -4.55
CA LYS A 94 -1.63 -14.64 -5.80
C LYS A 94 -2.86 -14.52 -6.70
N LEU A 95 -2.64 -14.05 -7.95
CA LEU A 95 -3.73 -13.89 -8.92
C LEU A 95 -3.92 -15.21 -9.67
N LYS A 96 -5.17 -15.46 -10.09
CA LYS A 96 -5.55 -16.68 -10.78
C LYS A 96 -4.75 -16.83 -12.08
N GLU A 97 -4.58 -15.70 -12.79
N GLU A 97 -4.59 -15.71 -12.81
CA GLU A 97 -3.83 -15.67 -14.04
CA GLU A 97 -3.82 -15.70 -14.04
C GLU A 97 -2.82 -14.54 -13.98
C GLU A 97 -2.88 -14.49 -14.05
N LYS A 98 -1.88 -14.53 -14.94
CA LYS A 98 -0.90 -13.46 -15.03
C LYS A 98 -1.56 -12.27 -15.73
N ALA A 99 -1.31 -11.07 -15.21
CA ALA A 99 -1.83 -9.84 -15.78
C ALA A 99 -1.24 -9.61 -17.18
N SER A 100 -2.00 -8.92 -18.03
CA SER A 100 -1.49 -8.47 -19.31
C SER A 100 -0.62 -7.23 -19.09
N LEU A 101 0.53 -7.18 -19.76
CA LEU A 101 1.38 -6.00 -19.77
C LEU A 101 0.86 -5.02 -20.81
N THR A 102 0.57 -3.79 -20.38
CA THR A 102 0.13 -2.70 -21.23
C THR A 102 0.87 -1.43 -20.79
N LEU A 103 0.62 -0.31 -21.48
CA LEU A 103 1.16 0.97 -21.04
C LEU A 103 0.66 1.26 -19.63
N ALA A 104 -0.60 0.89 -19.34
CA ALA A 104 -1.26 1.26 -18.09
C ALA A 104 -1.05 0.22 -16.99
N VAL A 105 -0.50 -0.96 -17.32
CA VAL A 105 -0.31 -2.03 -16.34
C VAL A 105 1.06 -2.67 -16.51
N GLY A 106 1.86 -2.61 -15.42
CA GLY A 106 3.17 -3.24 -15.38
C GLY A 106 3.60 -3.51 -13.93
N THR A 107 4.71 -4.27 -13.78
CA THR A 107 5.19 -4.67 -12.46
C THR A 107 6.18 -3.64 -11.93
N LEU A 108 6.34 -3.64 -10.60
CA LEU A 108 7.38 -2.91 -9.92
C LEU A 108 8.25 -3.90 -9.14
N PRO A 109 9.23 -4.57 -9.79
CA PRO A 109 10.12 -5.49 -9.09
C PRO A 109 11.10 -4.77 -8.18
N PHE A 110 11.52 -5.44 -7.10
CA PHE A 110 12.50 -4.87 -6.20
C PHE A 110 13.87 -4.95 -6.84
N PRO A 111 14.77 -3.96 -6.62
CA PRO A 111 16.17 -4.09 -7.01
C PRO A 111 16.85 -5.10 -6.09
N SER A 112 18.07 -5.51 -6.45
N SER A 112 18.07 -5.51 -6.46
CA SER A 112 18.83 -6.48 -5.68
CA SER A 112 18.84 -6.47 -5.69
C SER A 112 19.14 -5.92 -4.29
C SER A 112 19.13 -5.92 -4.30
N GLN A 113 19.54 -4.65 -4.23
CA GLN A 113 19.92 -3.99 -3.00
C GLN A 113 18.72 -3.91 -2.04
N LYS A 114 19.00 -4.09 -0.74
N LYS A 114 18.98 -4.13 -0.75
CA LYS A 114 18.00 -4.11 0.31
CA LYS A 114 17.95 -4.05 0.28
C LYS A 114 18.52 -3.36 1.53
C LYS A 114 18.53 -3.36 1.51
N ASN A 115 19.12 -2.18 1.29
CA ASN A 115 19.75 -1.40 2.34
C ASN A 115 18.69 -0.75 3.23
N PHE A 116 19.05 -0.55 4.50
CA PHE A 116 18.18 0.09 5.48
C PHE A 116 18.09 1.58 5.17
N VAL A 117 16.86 2.10 5.05
CA VAL A 117 16.64 3.49 4.67
C VAL A 117 16.57 4.34 5.94
N PRO A 118 17.50 5.31 6.12
CA PRO A 118 17.50 6.18 7.29
C PRO A 118 16.54 7.36 7.15
N PRO A 119 16.21 8.07 8.26
CA PRO A 119 15.40 9.28 8.18
C PRO A 119 16.01 10.41 7.34
N GLY A 120 15.15 11.31 6.85
CA GLY A 120 15.59 12.59 6.31
C GLY A 120 15.00 12.92 4.93
N ARG A 121 14.84 11.92 4.06
CA ARG A 121 14.54 12.15 2.67
C ARG A 121 13.03 12.24 2.43
N MET A 122 12.65 12.65 1.22
CA MET A 122 11.26 12.75 0.80
C MET A 122 10.90 11.53 -0.05
N CYS A 123 9.68 11.02 0.14
CA CYS A 123 9.16 9.88 -0.58
C CYS A 123 7.73 10.20 -1.02
N ARG A 124 7.13 9.35 -1.87
CA ARG A 124 5.79 9.61 -2.40
C ARG A 124 4.91 8.39 -2.19
N VAL A 125 3.63 8.62 -1.87
CA VAL A 125 2.64 7.56 -1.69
C VAL A 125 1.39 7.89 -2.49
N ALA A 126 0.73 6.87 -3.03
CA ALA A 126 -0.47 7.03 -3.84
C ALA A 126 -1.60 6.12 -3.34
N GLY A 127 -2.85 6.52 -3.60
CA GLY A 127 -4.00 5.70 -3.23
C GLY A 127 -5.34 6.36 -3.54
N TRP A 128 -6.41 5.57 -3.37
CA TRP A 128 -7.79 5.99 -3.61
C TRP A 128 -8.54 6.24 -2.29
N GLY A 129 -7.82 6.33 -1.17
CA GLY A 129 -8.44 6.43 0.14
C GLY A 129 -9.05 7.80 0.43
N ARG A 130 -9.52 7.98 1.67
CA ARG A 130 -10.24 9.18 2.06
C ARG A 130 -9.35 10.41 1.84
N THR A 131 -9.99 11.53 1.44
CA THR A 131 -9.27 12.79 1.21
C THR A 131 -9.40 13.70 2.42
N GLY A 132 -9.99 13.17 3.50
CA GLY A 132 -10.06 13.86 4.78
C GLY A 132 -10.72 12.97 5.82
N VAL A 133 -10.56 13.31 7.10
CA VAL A 133 -11.06 12.49 8.18
C VAL A 133 -12.55 12.21 7.99
N LEU A 134 -13.31 13.23 7.59
CA LEU A 134 -14.76 13.12 7.47
C LEU A 134 -15.20 13.11 6.01
N LYS A 135 -14.31 12.70 5.08
CA LYS A 135 -14.62 12.75 3.66
C LYS A 135 -14.56 11.33 3.08
N PRO A 136 -14.99 11.15 1.82
CA PRO A 136 -15.23 9.80 1.35
C PRO A 136 -13.94 9.47 0.60
N GLY A 137 -13.78 8.20 0.21
CA GLY A 137 -12.69 7.79 -0.66
C GLY A 137 -12.73 8.56 -1.98
N SER A 138 -11.55 8.73 -2.60
CA SER A 138 -11.41 9.47 -3.84
C SER A 138 -11.84 8.62 -5.03
N ASP A 139 -12.50 9.23 -6.01
CA ASP A 139 -12.80 8.58 -7.27
C ASP A 139 -11.53 8.39 -8.10
N THR A 140 -10.58 9.33 -7.97
CA THR A 140 -9.35 9.31 -8.77
C THR A 140 -8.16 8.94 -7.89
N LEU A 141 -7.13 8.36 -8.51
CA LEU A 141 -5.87 8.08 -7.84
C LEU A 141 -5.24 9.41 -7.43
N GLN A 142 -4.86 9.51 -6.15
CA GLN A 142 -4.21 10.69 -5.58
C GLN A 142 -2.81 10.32 -5.10
N GLU A 143 -1.94 11.32 -4.93
CA GLU A 143 -0.61 11.05 -4.41
C GLU A 143 -0.08 12.26 -3.63
N VAL A 144 0.91 12.02 -2.76
CA VAL A 144 1.43 13.06 -1.89
C VAL A 144 2.89 12.76 -1.54
N LYS A 145 3.67 13.83 -1.34
CA LYS A 145 5.07 13.73 -0.94
C LYS A 145 5.17 13.89 0.58
N LEU A 146 5.84 12.93 1.24
CA LEU A 146 5.94 12.88 2.70
C LEU A 146 7.40 12.67 3.13
N ARG A 147 7.76 13.21 4.29
N ARG A 147 7.75 13.21 4.30
CA ARG A 147 9.14 13.14 4.76
CA ARG A 147 9.10 13.16 4.84
C ARG A 147 9.31 11.94 5.69
C ARG A 147 9.29 11.91 5.70
N LEU A 148 10.44 11.23 5.52
CA LEU A 148 10.85 10.17 6.43
C LEU A 148 11.36 10.81 7.72
N MET A 149 10.72 10.48 8.85
CA MET A 149 11.01 11.10 10.14
C MET A 149 11.92 10.20 10.97
N ASP A 150 12.69 10.82 11.89
CA ASP A 150 13.42 10.10 12.91
C ASP A 150 12.43 9.29 13.75
N PRO A 151 12.81 8.09 14.25
CA PRO A 151 11.85 7.21 14.92
C PRO A 151 11.18 7.79 16.17
N GLN A 152 11.86 8.71 16.86
CA GLN A 152 11.28 9.33 18.06
C GLN A 152 9.99 10.08 17.72
N ALA A 153 9.83 10.49 16.46
CA ALA A 153 8.63 11.20 16.03
C ALA A 153 7.38 10.30 16.14
N CYS A 154 7.58 8.97 16.17
CA CYS A 154 6.48 8.00 16.23
C CYS A 154 6.42 7.30 17.58
N SER A 155 7.08 7.86 18.62
CA SER A 155 7.15 7.22 19.93
C SER A 155 5.76 7.01 20.54
N HIS A 156 4.84 7.93 20.28
CA HIS A 156 3.50 7.91 20.86
C HIS A 156 2.69 6.70 20.41
N PHE A 157 3.03 6.13 19.23
CA PHE A 157 2.57 4.80 18.87
C PHE A 157 3.38 3.79 19.68
N ARG A 158 2.79 3.28 20.78
CA ARG A 158 3.58 2.56 21.77
C ARG A 158 4.13 1.25 21.18
N ASP A 159 3.48 0.72 20.13
CA ASP A 159 3.93 -0.52 19.51
C ASP A 159 4.73 -0.29 18.23
N PHE A 160 5.11 0.96 17.95
CA PHE A 160 6.01 1.25 16.83
C PHE A 160 7.39 0.67 17.13
N ASP A 161 8.08 0.22 16.08
CA ASP A 161 9.42 -0.35 16.17
C ASP A 161 10.23 0.10 14.96
N HIS A 162 11.37 0.77 15.22
CA HIS A 162 12.20 1.37 14.18
C HIS A 162 12.76 0.31 13.21
N ASN A 163 12.99 -0.91 13.70
CA ASN A 163 13.58 -1.96 12.89
C ASN A 163 12.55 -2.53 11.91
N LEU A 164 11.25 -2.46 12.28
CA LEU A 164 10.18 -3.09 11.52
C LEU A 164 9.45 -2.10 10.62
N GLN A 165 9.52 -0.79 10.94
CA GLN A 165 8.58 0.18 10.41
C GLN A 165 9.28 1.52 10.13
N LEU A 166 8.71 2.26 9.15
CA LEU A 166 9.10 3.63 8.86
C LEU A 166 8.12 4.59 9.53
N CYS A 167 8.64 5.77 9.91
CA CYS A 167 7.87 6.85 10.50
C CYS A 167 7.73 7.96 9.46
N VAL A 168 6.51 8.24 9.02
CA VAL A 168 6.30 8.96 7.77
C VAL A 168 5.34 10.14 7.94
N GLY A 169 5.82 11.34 7.56
CA GLY A 169 4.99 12.54 7.53
C GLY A 169 5.40 13.55 8.59
N ASN A 170 5.86 14.73 8.14
CA ASN A 170 6.21 15.84 9.00
C ASN A 170 4.97 16.28 9.79
N PRO A 171 4.99 16.32 11.14
CA PRO A 171 3.82 16.74 11.91
C PRO A 171 3.31 18.15 11.62
N ARG A 172 4.16 19.01 11.04
CA ARG A 172 3.81 20.40 10.75
C ARG A 172 3.10 20.56 9.40
N LYS A 173 3.00 19.48 8.61
CA LYS A 173 2.39 19.56 7.29
C LYS A 173 1.06 18.80 7.28
N THR A 174 0.03 19.40 6.66
N THR A 174 0.06 19.39 6.61
CA THR A 174 -1.27 18.78 6.54
CA THR A 174 -1.27 18.81 6.50
C THR A 174 -1.29 17.90 5.29
C THR A 174 -1.32 17.87 5.29
N LYS A 175 -0.51 16.82 5.33
CA LYS A 175 -0.37 15.87 4.24
C LYS A 175 -0.19 14.49 4.86
N SER A 176 -0.91 13.49 4.33
N SER A 176 -0.91 13.49 4.33
CA SER A 176 -0.86 12.14 4.87
CA SER A 176 -0.83 12.13 4.87
C SER A 176 -1.61 11.16 3.97
C SER A 176 -1.63 11.17 4.00
N ALA A 177 -1.37 9.86 4.22
CA ALA A 177 -2.27 8.81 3.77
C ALA A 177 -3.38 8.68 4.81
N PHE A 178 -4.42 7.89 4.51
CA PHE A 178 -5.45 7.63 5.49
C PHE A 178 -6.16 6.31 5.12
N LYS A 179 -7.30 6.05 5.79
CA LYS A 179 -8.11 4.87 5.56
C LYS A 179 -8.39 4.76 4.06
N GLY A 180 -8.33 3.52 3.56
CA GLY A 180 -8.49 3.26 2.12
C GLY A 180 -7.15 3.17 1.40
N ASP A 181 -6.09 3.74 1.99
CA ASP A 181 -4.76 3.78 1.37
C ASP A 181 -3.88 2.63 1.86
N SER A 182 -4.26 1.96 2.96
CA SER A 182 -3.45 0.88 3.51
C SER A 182 -3.11 -0.15 2.43
N GLY A 183 -1.85 -0.62 2.42
CA GLY A 183 -1.40 -1.62 1.47
C GLY A 183 -0.69 -1.03 0.25
N GLY A 184 -0.85 0.28 0.01
CA GLY A 184 -0.20 0.94 -1.11
C GLY A 184 1.29 1.14 -0.83
N PRO A 185 2.11 1.38 -1.89
CA PRO A 185 3.55 1.57 -1.72
C PRO A 185 3.96 2.99 -1.39
N LEU A 186 5.06 3.11 -0.64
CA LEU A 186 5.78 4.36 -0.47
C LEU A 186 7.07 4.24 -1.26
N LEU A 187 7.25 5.11 -2.27
CA LEU A 187 8.40 5.06 -3.15
C LEU A 187 9.36 6.19 -2.80
N CYS A 188 10.65 5.83 -2.70
CA CYS A 188 11.72 6.77 -2.43
C CYS A 188 12.70 6.68 -3.60
N ALA A 189 12.79 7.77 -4.39
CA ALA A 189 13.53 7.79 -5.64
C ALA A 189 13.17 6.61 -6.53
N GLY A 190 11.86 6.31 -6.63
CA GLY A 190 11.36 5.35 -7.59
C GLY A 190 11.43 3.90 -7.10
N VAL A 191 11.84 3.68 -5.85
CA VAL A 191 12.00 2.36 -5.28
C VAL A 191 11.04 2.22 -4.10
N ALA A 192 10.26 1.13 -4.07
CA ALA A 192 9.32 0.87 -2.99
C ALA A 192 10.07 0.52 -1.71
N GLN A 193 9.91 1.35 -0.66
CA GLN A 193 10.60 1.15 0.60
C GLN A 193 9.62 0.91 1.76
N GLY A 194 8.34 1.25 1.58
CA GLY A 194 7.35 1.11 2.64
C GLY A 194 5.99 0.67 2.12
N ILE A 195 5.15 0.17 3.04
CA ILE A 195 3.75 -0.15 2.78
C ILE A 195 2.89 0.61 3.79
N VAL A 196 1.85 1.30 3.30
CA VAL A 196 0.94 2.05 4.15
C VAL A 196 0.32 1.08 5.17
N SER A 197 0.43 1.38 6.48
CA SER A 197 -0.15 0.52 7.51
C SER A 197 -1.23 1.27 8.31
N TYR A 198 -0.85 2.09 9.29
CA TYR A 198 -1.82 2.71 10.18
C TYR A 198 -1.28 4.00 10.76
N GLY A 199 -2.19 4.81 11.31
CA GLY A 199 -1.87 6.03 12.04
C GLY A 199 -2.99 6.39 13.02
N ARG A 200 -3.05 7.67 13.40
CA ARG A 200 -4.09 8.15 14.31
C ARG A 200 -5.43 8.24 13.58
N SER A 201 -6.52 8.07 14.34
N SER A 201 -6.52 8.07 14.34
CA SER A 201 -7.87 8.19 13.81
CA SER A 201 -7.87 8.19 13.80
C SER A 201 -8.14 9.60 13.28
C SER A 201 -8.16 9.60 13.30
N ASP A 202 -7.40 10.60 13.79
CA ASP A 202 -7.60 11.99 13.40
C ASP A 202 -6.61 12.43 12.31
N ALA A 203 -5.78 11.49 11.83
CA ALA A 203 -4.93 11.68 10.65
C ALA A 203 -3.74 12.61 10.90
N LYS A 204 -3.49 13.03 12.15
CA LYS A 204 -2.36 13.90 12.44
C LYS A 204 -1.06 13.12 12.18
N PRO A 205 -0.18 13.64 11.30
CA PRO A 205 1.09 12.96 11.04
C PRO A 205 2.02 13.03 12.25
N PRO A 206 3.03 12.13 12.38
CA PRO A 206 3.29 11.07 11.39
C PRO A 206 2.44 9.81 11.51
N ALA A 207 2.62 8.91 10.52
CA ALA A 207 1.96 7.61 10.50
C ALA A 207 2.99 6.48 10.31
N VAL A 208 2.52 5.24 10.42
CA VAL A 208 3.37 4.06 10.48
C VAL A 208 3.24 3.25 9.18
N PHE A 209 4.40 2.94 8.59
CA PHE A 209 4.48 2.16 7.35
C PHE A 209 5.37 0.93 7.61
N THR A 210 5.04 -0.20 6.98
CA THR A 210 5.86 -1.39 7.06
C THR A 210 7.19 -1.12 6.34
N ARG A 211 8.31 -1.49 6.98
CA ARG A 211 9.63 -1.34 6.37
C ARG A 211 9.94 -2.56 5.50
N ILE A 212 9.96 -2.37 4.18
CA ILE A 212 10.00 -3.50 3.25
C ILE A 212 11.32 -4.27 3.39
N SER A 213 12.43 -3.56 3.63
CA SER A 213 13.76 -4.20 3.67
C SER A 213 13.78 -5.37 4.66
N HIS A 214 13.08 -5.22 5.79
CA HIS A 214 13.05 -6.24 6.82
C HIS A 214 12.38 -7.52 6.34
N TYR A 215 11.47 -7.42 5.36
CA TYR A 215 10.62 -8.52 4.94
C TYR A 215 11.04 -9.10 3.60
N ARG A 216 12.17 -8.65 3.04
CA ARG A 216 12.61 -9.11 1.73
C ARG A 216 12.84 -10.62 1.73
N PRO A 217 13.45 -11.23 2.79
CA PRO A 217 13.56 -12.68 2.85
C PRO A 217 12.23 -13.44 2.77
N TRP A 218 11.23 -12.96 3.52
CA TRP A 218 9.91 -13.58 3.52
C TRP A 218 9.25 -13.46 2.16
N ILE A 219 9.32 -12.27 1.54
CA ILE A 219 8.74 -12.04 0.23
C ILE A 219 9.33 -13.03 -0.77
N ASN A 220 10.66 -13.16 -0.76
CA ASN A 220 11.37 -14.03 -1.70
C ASN A 220 10.93 -15.48 -1.48
N GLN A 221 10.75 -15.87 -0.21
CA GLN A 221 10.40 -17.24 0.14
C GLN A 221 9.06 -17.62 -0.47
N ILE A 222 8.06 -16.73 -0.36
CA ILE A 222 6.72 -16.98 -0.88
C ILE A 222 6.77 -17.06 -2.40
N LEU A 223 7.46 -16.11 -3.05
CA LEU A 223 7.49 -16.04 -4.50
C LEU A 223 8.15 -17.29 -5.07
N GLN A 224 9.24 -17.75 -4.44
CA GLN A 224 10.02 -18.85 -4.98
C GLN A 224 9.26 -20.18 -4.85
N ALA A 225 8.36 -20.28 -3.86
CA ALA A 225 7.66 -21.53 -3.57
C ALA A 225 6.28 -21.59 -4.23
N ASN A 226 5.83 -20.49 -4.85
CA ASN A 226 4.48 -20.43 -5.40
C ASN A 226 4.54 -19.95 -6.85
#